data_8SK1
#
_entry.id   8SK1
#
_cell.length_a   41.456
_cell.length_b   66.082
_cell.length_c   117.667
_cell.angle_alpha   90.00
_cell.angle_beta   91.17
_cell.angle_gamma   90.00
#
_symmetry.space_group_name_H-M   'C 1 2 1'
#
loop_
_entity.id
_entity.type
_entity.pdbx_description
1 polymer '2-amino-4-hydroxy-6-hydroxymethyldihydropteridine diphosphokinase'
2 non-polymer "5'-S-[(2R,4R)-1-{2-[(2-amino-7,7-dimethyl-4-oxo-3,4,7,8-tetrahydropteridine-6-carbonyl)amino]ethyl}-2-carboxypiperidin-4-yl]-5'-thioadenosine"
3 water water
#
_entity_poly.entity_id   1
_entity_poly.type   'polypeptide(L)'
_entity_poly.pdbx_seq_one_letter_code
;GMNNIAYIALGSNIGERYTYLTEAIQFLNKNPYIKVEDVSSVYETEPVGYTDQSCFLNLVIKISTNLSPQELLKVTQKVE
NDLGRKREIRWGPRTIDLDILLYNQENIEAENLIVPHPRMFERAFVIVPLLEINQDIKQNISRSQVEEMKRREGVTVWKQ
KNGEDAFVLFEN
;
_entity_poly.pdbx_strand_id   A,B
#
# COMPACT_ATOMS: atom_id res chain seq x y z
N GLY A 1 -10.17 7.69 33.51
CA GLY A 1 -8.93 7.11 33.04
C GLY A 1 -8.80 7.03 31.51
N MET A 2 -7.57 7.17 31.02
CA MET A 2 -7.21 6.88 29.63
C MET A 2 -6.03 5.93 29.76
N ASN A 3 -6.33 4.64 29.75
N ASN A 3 -6.29 4.63 29.80
CA ASN A 3 -5.38 3.60 30.14
CA ASN A 3 -5.27 3.65 30.15
C ASN A 3 -4.60 3.04 28.97
C ASN A 3 -4.70 2.90 28.95
N ASN A 4 -5.05 3.29 27.74
CA ASN A 4 -4.45 2.71 26.55
C ASN A 4 -3.46 3.68 25.94
N ILE A 5 -2.28 3.16 25.58
CA ILE A 5 -1.26 3.92 24.89
C ILE A 5 -1.17 3.40 23.46
N ALA A 6 -1.08 4.33 22.52
CA ALA A 6 -0.96 3.98 21.11
C ALA A 6 0.09 4.90 20.49
N TYR A 7 0.76 4.39 19.46
CA TYR A 7 1.71 5.16 18.68
C TYR A 7 1.14 5.27 17.28
N ILE A 8 1.19 6.47 16.72
CA ILE A 8 0.60 6.77 15.41
C ILE A 8 1.65 7.48 14.56
N ALA A 9 1.79 7.05 13.31
CA ALA A 9 2.69 7.73 12.38
C ALA A 9 1.89 8.62 11.44
N LEU A 10 2.49 9.77 11.08
CA LEU A 10 1.90 10.74 10.18
C LEU A 10 2.86 11.01 9.04
N GLY A 11 2.35 11.07 7.81
CA GLY A 11 3.15 11.49 6.67
C GLY A 11 2.34 12.44 5.80
N SER A 12 3.06 13.30 5.06
CA SER A 12 2.44 14.21 4.10
C SER A 12 3.48 14.56 3.04
N ASN A 13 3.08 14.54 1.76
CA ASN A 13 4.03 14.97 0.74
C ASN A 13 3.42 15.91 -0.30
N ILE A 14 2.28 16.54 0.00
CA ILE A 14 1.65 17.56 -0.82
C ILE A 14 1.64 18.88 -0.06
N GLY A 15 1.73 20.00 -0.80
CA GLY A 15 1.39 21.30 -0.25
C GLY A 15 2.22 21.66 0.97
N GLU A 16 1.59 22.34 1.94
CA GLU A 16 2.31 22.73 3.14
C GLU A 16 2.36 21.52 4.07
N ARG A 17 3.34 20.65 3.82
CA ARG A 17 3.43 19.37 4.51
C ARG A 17 3.41 19.56 6.03
N TYR A 18 4.20 20.47 6.54
CA TYR A 18 4.24 20.64 7.98
C TYR A 18 2.88 21.10 8.52
N THR A 19 2.12 21.84 7.73
CA THR A 19 0.81 22.28 8.22
C THR A 19 -0.13 21.09 8.42
N TYR A 20 -0.32 20.29 7.37
CA TYR A 20 -1.14 19.08 7.48
C TYR A 20 -0.79 18.30 8.72
N LEU A 21 0.49 17.94 8.84
CA LEU A 21 0.95 17.24 10.04
C LEU A 21 0.50 17.98 11.30
N THR A 22 0.74 19.29 11.36
CA THR A 22 0.41 20.05 12.57
C THR A 22 -1.10 20.04 12.82
N GLU A 23 -1.89 20.13 11.74
CA GLU A 23 -3.33 20.14 11.95
C GLU A 23 -3.84 18.76 12.32
N ALA A 24 -3.21 17.71 11.80
CA ALA A 24 -3.55 16.35 12.19
C ALA A 24 -3.40 16.17 13.70
N ILE A 25 -2.26 16.56 14.26
CA ILE A 25 -2.07 16.41 15.70
C ILE A 25 -3.07 17.27 16.46
N GLN A 26 -3.36 18.47 15.95
N GLN A 26 -3.37 18.46 15.94
CA GLN A 26 -4.32 19.34 16.61
CA GLN A 26 -4.32 19.35 16.62
C GLN A 26 -5.70 18.72 16.62
C GLN A 26 -5.72 18.76 16.61
N PHE A 27 -6.15 18.18 15.49
CA PHE A 27 -7.46 17.54 15.42
C PHE A 27 -7.54 16.37 16.39
N LEU A 28 -6.55 15.46 16.34
CA LEU A 28 -6.51 14.36 17.28
C LEU A 28 -6.60 14.86 18.71
N ASN A 29 -5.79 15.86 19.04
CA ASN A 29 -5.72 16.34 20.41
C ASN A 29 -6.97 16.98 20.96
N LYS A 30 -7.77 17.51 20.05
CA LYS A 30 -9.03 18.16 20.34
C LYS A 30 -10.12 17.20 20.79
N ASN A 31 -9.97 15.94 20.45
CA ASN A 31 -10.88 14.89 20.84
C ASN A 31 -10.64 14.63 22.32
N PRO A 32 -11.70 14.65 23.13
CA PRO A 32 -11.53 14.51 24.58
C PRO A 32 -11.06 13.14 25.00
N TYR A 33 -11.11 12.17 24.09
CA TYR A 33 -10.76 10.80 24.37
C TYR A 33 -9.33 10.49 23.97
N ILE A 34 -8.62 11.49 23.47
CA ILE A 34 -7.24 11.34 23.06
C ILE A 34 -6.43 12.41 23.75
N LYS A 35 -5.32 12.01 24.36
CA LYS A 35 -4.33 12.93 24.89
C LYS A 35 -3.01 12.64 24.18
N VAL A 36 -2.45 13.64 23.51
CA VAL A 36 -1.14 13.50 22.87
C VAL A 36 -0.07 13.65 23.94
N GLU A 37 0.70 12.59 24.16
CA GLU A 37 1.70 12.53 25.23
C GLU A 37 3.11 12.88 24.77
N ASP A 38 3.47 12.56 23.52
CA ASP A 38 4.81 12.85 23.05
C ASP A 38 4.78 12.89 21.52
N VAL A 39 5.62 13.78 20.94
CA VAL A 39 5.73 13.91 19.49
C VAL A 39 7.20 13.84 19.11
N SER A 40 7.49 13.10 18.05
CA SER A 40 8.84 12.97 17.53
C SER A 40 9.26 14.27 16.84
N SER A 41 10.53 14.33 16.46
CA SER A 41 10.93 15.35 15.50
C SER A 41 10.28 15.05 14.16
N VAL A 42 10.37 16.02 13.26
CA VAL A 42 9.84 15.89 11.90
C VAL A 42 10.99 15.61 10.96
N TYR A 43 10.87 14.53 10.21
CA TYR A 43 11.91 14.03 9.34
C TYR A 43 11.48 14.24 7.90
N GLU A 44 12.44 14.58 7.04
CA GLU A 44 12.17 14.60 5.61
C GLU A 44 12.71 13.30 5.02
N THR A 45 11.88 12.61 4.25
CA THR A 45 12.19 11.25 3.86
C THR A 45 11.96 11.09 2.37
N GLU A 46 12.84 10.32 1.74
CA GLU A 46 12.70 9.96 0.34
C GLU A 46 11.45 9.11 0.15
N PRO A 47 10.66 9.36 -0.89
CA PRO A 47 9.46 8.52 -1.10
C PRO A 47 9.83 7.06 -1.29
N VAL A 48 9.11 6.19 -0.59
CA VAL A 48 9.29 4.75 -0.68
C VAL A 48 8.22 4.16 -1.57
N GLY A 49 8.53 3.03 -2.18
CA GLY A 49 7.54 2.32 -2.99
C GLY A 49 7.16 2.90 -4.33
N TYR A 50 6.96 4.22 -4.39
CA TYR A 50 6.78 4.94 -5.65
C TYR A 50 7.61 6.21 -5.55
N THR A 51 8.71 6.26 -6.30
CA THR A 51 9.69 7.30 -6.05
C THR A 51 9.50 8.54 -6.93
N ASP A 52 8.51 8.54 -7.82
CA ASP A 52 8.29 9.67 -8.73
C ASP A 52 7.35 10.71 -8.14
N GLN A 53 7.77 11.27 -7.00
CA GLN A 53 6.94 12.23 -6.30
C GLN A 53 7.77 12.94 -5.24
N SER A 54 7.16 13.92 -4.59
CA SER A 54 7.88 14.77 -3.64
C SER A 54 8.32 13.97 -2.42
N CYS A 55 9.36 14.47 -1.75
CA CYS A 55 9.79 13.89 -0.48
C CYS A 55 8.67 14.06 0.56
N PHE A 56 8.72 13.24 1.61
CA PHE A 56 7.72 13.31 2.68
C PHE A 56 8.26 14.00 3.92
N LEU A 57 7.36 14.67 4.65
CA LEU A 57 7.55 14.94 6.07
C LEU A 57 6.84 13.83 6.85
N ASN A 58 7.55 13.28 7.84
CA ASN A 58 7.07 12.13 8.60
C ASN A 58 7.36 12.38 10.07
N LEU A 59 6.38 12.08 10.94
CA LEU A 59 6.62 12.08 12.38
C LEU A 59 5.78 10.95 12.99
N VAL A 60 5.89 10.81 14.30
CA VAL A 60 5.21 9.77 15.06
C VAL A 60 4.79 10.38 16.38
N ILE A 61 3.55 10.08 16.80
CA ILE A 61 3.09 10.60 18.08
C ILE A 61 2.70 9.45 18.96
N LYS A 62 2.77 9.71 20.27
CA LYS A 62 2.29 8.78 21.29
C LYS A 62 1.09 9.44 21.94
N ILE A 63 0.02 8.67 22.11
CA ILE A 63 -1.24 9.17 22.64
C ILE A 63 -1.70 8.26 23.77
N SER A 64 -2.44 8.83 24.72
N SER A 64 -2.44 8.82 24.73
CA SER A 64 -3.23 8.06 25.66
CA SER A 64 -3.22 8.01 25.66
C SER A 64 -4.69 8.18 25.24
C SER A 64 -4.69 8.20 25.31
N THR A 65 -5.45 7.10 25.39
CA THR A 65 -6.83 7.10 24.93
C THR A 65 -7.65 6.10 25.72
N ASN A 66 -8.93 6.40 25.85
CA ASN A 66 -9.89 5.40 26.26
C ASN A 66 -10.61 4.78 25.06
N LEU A 67 -10.24 5.17 23.84
CA LEU A 67 -10.83 4.58 22.64
C LEU A 67 -10.33 3.16 22.39
N SER A 68 -11.23 2.30 21.92
CA SER A 68 -10.84 0.98 21.48
C SER A 68 -10.04 1.11 20.18
N PRO A 69 -9.35 0.04 19.75
CA PRO A 69 -8.63 0.13 18.48
C PRO A 69 -9.50 0.48 17.29
N GLN A 70 -10.71 -0.05 17.20
CA GLN A 70 -11.57 0.30 16.05
C GLN A 70 -12.09 1.72 16.18
N GLU A 71 -12.31 2.16 17.43
CA GLU A 71 -12.68 3.55 17.70
C GLU A 71 -11.56 4.51 17.35
N LEU A 72 -10.34 4.20 17.78
CA LEU A 72 -9.19 5.01 17.39
C LEU A 72 -9.07 5.07 15.88
N LEU A 73 -9.18 3.93 15.21
CA LEU A 73 -9.07 3.93 13.75
C LEU A 73 -10.09 4.87 13.10
N LYS A 74 -11.34 4.86 13.57
CA LYS A 74 -12.34 5.71 12.90
C LYS A 74 -12.08 7.20 13.14
N VAL A 75 -11.46 7.55 14.27
CA VAL A 75 -11.05 8.93 14.52
C VAL A 75 -9.96 9.35 13.54
N THR A 76 -8.92 8.53 13.40
CA THR A 76 -7.85 8.93 12.49
C THR A 76 -8.38 9.07 11.07
N GLN A 77 -9.28 8.17 10.65
CA GLN A 77 -9.86 8.30 9.32
C GLN A 77 -10.71 9.56 9.19
N LYS A 78 -11.41 9.96 10.26
CA LYS A 78 -12.14 11.23 10.16
C LYS A 78 -11.17 12.40 10.04
N VAL A 79 -10.04 12.33 10.75
CA VAL A 79 -9.02 13.38 10.63
C VAL A 79 -8.48 13.44 9.21
N GLU A 80 -8.03 12.29 8.70
CA GLU A 80 -7.62 12.20 7.31
C GLU A 80 -8.64 12.88 6.41
N ASN A 81 -9.90 12.49 6.57
CA ASN A 81 -10.97 13.05 5.75
C ASN A 81 -11.02 14.57 5.88
N ASP A 82 -10.93 15.07 7.12
CA ASP A 82 -11.04 16.52 7.33
C ASP A 82 -9.91 17.27 6.66
N LEU A 83 -8.77 16.64 6.45
CA LEU A 83 -7.62 17.25 5.81
C LEU A 83 -7.52 16.93 4.34
N GLY A 84 -8.62 16.53 3.72
CA GLY A 84 -8.66 16.35 2.28
C GLY A 84 -7.88 15.18 1.74
N ARG A 85 -7.76 14.08 2.47
CA ARG A 85 -7.16 12.89 1.87
C ARG A 85 -8.14 12.23 0.92
N LYS A 86 -7.73 12.08 -0.33
CA LYS A 86 -8.52 11.37 -1.32
C LYS A 86 -8.38 9.87 -1.09
N ARG A 87 -9.50 9.20 -0.83
CA ARG A 87 -9.49 7.76 -0.56
C ARG A 87 -8.75 7.00 -1.66
N GLU A 88 -8.87 7.44 -2.91
CA GLU A 88 -8.42 6.63 -4.03
C GLU A 88 -6.91 6.62 -4.19
N ILE A 89 -6.20 7.56 -3.56
CA ILE A 89 -4.77 7.66 -3.78
C ILE A 89 -4.06 6.57 -3.00
N ARG A 90 -3.30 5.75 -3.70
CA ARG A 90 -2.56 4.67 -3.06
C ARG A 90 -1.05 4.88 -3.08
N TRP A 91 -0.48 5.14 -4.25
CA TRP A 91 0.98 5.28 -4.34
C TRP A 91 1.45 6.71 -4.50
N GLY A 92 0.62 7.60 -5.01
CA GLY A 92 1.05 8.93 -5.34
C GLY A 92 0.94 9.90 -4.18
N PRO A 93 1.06 11.19 -4.47
CA PRO A 93 1.09 12.19 -3.40
C PRO A 93 -0.27 12.39 -2.74
N ARG A 94 -0.23 12.71 -1.44
CA ARG A 94 -1.44 12.81 -0.63
C ARG A 94 -1.20 13.83 0.47
N THR A 95 -2.29 14.42 0.96
CA THR A 95 -2.16 15.48 1.96
C THR A 95 -1.74 14.92 3.31
N ILE A 96 -2.22 13.74 3.68
CA ILE A 96 -2.03 13.24 5.03
C ILE A 96 -2.31 11.76 5.05
N ASP A 97 -1.51 11.02 5.82
CA ASP A 97 -1.70 9.62 6.19
C ASP A 97 -1.56 9.46 7.69
N LEU A 98 -2.38 8.58 8.28
CA LEU A 98 -2.28 8.20 9.69
C LEU A 98 -2.27 6.69 9.76
N ASP A 99 -1.24 6.13 10.39
CA ASP A 99 -1.11 4.70 10.60
C ASP A 99 -1.10 4.43 12.11
N ILE A 100 -1.91 3.48 12.55
CA ILE A 100 -1.78 3.01 13.93
C ILE A 100 -0.66 1.99 13.95
N LEU A 101 0.43 2.32 14.66
CA LEU A 101 1.62 1.46 14.70
C LEU A 101 1.53 0.43 15.81
N LEU A 102 1.23 0.90 17.03
CA LEU A 102 1.17 0.11 18.26
C LEU A 102 -0.05 0.52 19.07
N TYR A 103 -0.64 -0.46 19.74
CA TYR A 103 -1.74 -0.23 20.66
C TYR A 103 -1.49 -1.10 21.88
N ASN A 104 -1.15 -0.48 23.02
CA ASN A 104 -0.66 -1.21 24.18
C ASN A 104 0.35 -2.26 23.72
N GLN A 105 0.13 -3.52 24.09
CA GLN A 105 0.93 -4.61 23.54
C GLN A 105 0.03 -5.60 22.81
N GLU A 106 -1.06 -5.09 22.24
CA GLU A 106 -2.04 -5.94 21.62
C GLU A 106 -1.59 -6.35 20.23
N ASN A 107 -1.96 -7.57 19.84
CA ASN A 107 -1.76 -8.11 18.50
C ASN A 107 -3.14 -8.19 17.87
N ILE A 108 -3.40 -7.33 16.90
CA ILE A 108 -4.72 -7.14 16.32
C ILE A 108 -4.69 -7.57 14.86
N GLU A 109 -5.62 -8.43 14.46
CA GLU A 109 -5.64 -9.00 13.12
C GLU A 109 -7.07 -8.93 12.56
N ALA A 110 -7.67 -7.74 12.58
CA ALA A 110 -9.00 -7.61 12.00
C ALA A 110 -8.92 -7.43 10.49
N GLU A 111 -10.08 -7.49 9.83
CA GLU A 111 -10.11 -7.34 8.38
C GLU A 111 -9.56 -5.97 7.96
N ASN A 112 -9.73 -4.97 8.80
CA ASN A 112 -9.40 -3.59 8.48
C ASN A 112 -8.30 -3.02 9.37
N LEU A 113 -7.71 -3.80 10.25
CA LEU A 113 -6.82 -3.24 11.27
C LEU A 113 -5.79 -4.30 11.64
N ILE A 114 -4.55 -4.07 11.23
CA ILE A 114 -3.45 -4.94 11.60
C ILE A 114 -2.49 -4.14 12.47
N VAL A 115 -2.25 -4.64 13.67
CA VAL A 115 -1.37 -4.02 14.67
C VAL A 115 -0.59 -5.13 15.37
N PRO A 116 0.75 -5.01 15.52
CA PRO A 116 1.57 -3.89 15.09
C PRO A 116 1.46 -3.70 13.59
N HIS A 117 1.70 -2.49 13.12
CA HIS A 117 1.58 -2.23 11.70
C HIS A 117 2.54 -3.13 10.92
N PRO A 118 2.07 -3.86 9.90
CA PRO A 118 2.91 -4.87 9.25
C PRO A 118 4.13 -4.33 8.52
N ARG A 119 4.16 -3.06 8.17
CA ARG A 119 5.30 -2.49 7.46
C ARG A 119 6.22 -1.67 8.34
N MET A 120 5.90 -1.50 9.63
CA MET A 120 6.60 -0.48 10.39
C MET A 120 8.10 -0.79 10.52
N PHE A 121 8.48 -2.06 10.59
CA PHE A 121 9.88 -2.39 10.71
C PHE A 121 10.58 -2.47 9.36
N GLU A 122 9.88 -2.15 8.27
CA GLU A 122 10.48 -2.08 6.95
C GLU A 122 10.57 -0.64 6.43
N ARG A 123 10.33 0.35 7.29
CA ARG A 123 10.20 1.74 6.89
C ARG A 123 11.04 2.60 7.83
N ALA A 124 12.14 3.16 7.32
CA ALA A 124 12.94 4.03 8.17
C ALA A 124 12.17 5.26 8.58
N PHE A 125 11.29 5.77 7.70
CA PHE A 125 10.51 6.95 8.03
C PHE A 125 9.51 6.69 9.17
N VAL A 126 9.21 5.45 9.51
CA VAL A 126 8.45 5.12 10.72
C VAL A 126 9.40 4.85 11.88
N ILE A 127 10.37 3.96 11.68
CA ILE A 127 11.19 3.48 12.79
C ILE A 127 12.00 4.61 13.41
N VAL A 128 12.59 5.48 12.61
CA VAL A 128 13.46 6.52 13.15
C VAL A 128 12.69 7.42 14.10
N PRO A 129 11.57 8.04 13.71
CA PRO A 129 10.84 8.86 14.68
C PRO A 129 10.20 8.06 15.80
N LEU A 130 9.76 6.82 15.53
CA LEU A 130 9.26 5.98 16.63
C LEU A 130 10.30 5.79 17.73
N LEU A 131 11.55 5.45 17.35
CA LEU A 131 12.60 5.23 18.35
C LEU A 131 12.88 6.49 19.15
N GLU A 132 12.72 7.65 18.54
CA GLU A 132 12.92 8.88 19.28
C GLU A 132 11.99 8.97 20.49
N ILE A 133 10.79 8.37 20.43
CA ILE A 133 9.82 8.53 21.50
C ILE A 133 9.37 7.20 22.09
N ASN A 134 10.00 6.09 21.74
CA ASN A 134 9.63 4.81 22.35
C ASN A 134 10.89 4.05 22.71
N GLN A 135 11.17 3.93 24.02
CA GLN A 135 12.41 3.32 24.48
C GLN A 135 12.40 1.79 24.40
N ASP A 136 11.22 1.16 24.46
CA ASP A 136 11.20 -0.30 24.31
C ASP A 136 11.71 -0.73 22.94
N ILE A 137 11.31 -0.02 21.90
CA ILE A 137 11.88 -0.25 20.57
C ILE A 137 13.36 0.13 20.57
N LYS A 138 13.67 1.25 21.19
CA LYS A 138 15.00 1.80 21.24
C LYS A 138 16.10 0.82 21.58
N GLN A 139 15.73 -0.26 22.25
CA GLN A 139 16.67 -1.28 22.68
C GLN A 139 16.62 -2.46 21.73
N ASN A 140 15.47 -2.64 21.11
CA ASN A 140 15.23 -3.76 20.23
C ASN A 140 15.84 -3.51 18.86
N ILE A 141 16.58 -2.41 18.77
CA ILE A 141 17.14 -2.03 17.49
C ILE A 141 18.44 -1.30 17.79
N SER A 142 19.53 -1.70 17.15
CA SER A 142 20.79 -1.09 17.51
C SER A 142 20.80 0.39 17.12
N ARG A 143 21.66 1.16 17.79
CA ARG A 143 21.77 2.57 17.43
C ARG A 143 22.44 2.77 16.08
N SER A 144 23.35 1.86 15.68
CA SER A 144 23.93 1.91 14.35
C SER A 144 23.04 1.28 13.29
N GLN A 145 22.05 0.47 13.69
CA GLN A 145 21.01 0.06 12.76
C GLN A 145 20.08 1.23 12.42
N VAL A 146 19.93 2.18 13.36
CA VAL A 146 19.06 3.34 13.15
C VAL A 146 19.71 4.35 12.22
N GLU A 147 20.98 4.69 12.48
CA GLU A 147 21.68 5.60 11.57
C GLU A 147 22.10 4.89 10.28
N GLU A 148 22.07 3.57 10.25
CA GLU A 148 22.29 2.88 8.98
C GLU A 148 21.05 2.94 8.10
N MET A 149 19.85 2.81 8.68
CA MET A 149 18.65 2.95 7.85
C MET A 149 18.41 4.41 7.46
N LYS A 150 18.76 5.37 8.33
CA LYS A 150 18.73 6.78 7.91
C LYS A 150 19.45 6.97 6.59
N ARG A 151 20.70 6.48 6.51
CA ARG A 151 21.54 6.68 5.33
C ARG A 151 20.95 5.99 4.11
N ARG A 152 20.54 4.73 4.25
CA ARG A 152 20.14 3.98 3.08
C ARG A 152 18.83 4.49 2.50
N GLU A 153 17.86 4.83 3.34
CA GLU A 153 16.56 5.28 2.85
C GLU A 153 16.46 6.79 2.70
N GLY A 154 17.46 7.55 3.15
CA GLY A 154 17.37 9.00 3.00
C GLY A 154 16.38 9.64 3.96
N VAL A 155 16.69 9.61 5.25
CA VAL A 155 15.84 10.18 6.29
C VAL A 155 16.71 11.19 7.05
N THR A 156 16.21 12.42 7.17
CA THR A 156 16.98 13.50 7.76
C THR A 156 16.07 14.35 8.62
N VAL A 157 16.59 14.86 9.75
CA VAL A 157 15.79 15.75 10.58
C VAL A 157 15.46 16.99 9.78
N TRP A 158 14.18 17.34 9.75
CA TRP A 158 13.68 18.55 9.11
C TRP A 158 13.31 19.62 10.12
N LYS A 159 12.75 19.25 11.28
CA LYS A 159 12.50 20.19 12.36
C LYS A 159 12.63 19.47 13.69
N GLN A 160 13.49 20.01 14.54
CA GLN A 160 13.73 19.41 15.85
C GLN A 160 12.50 19.57 16.73
N LYS A 161 12.12 18.49 17.41
CA LYS A 161 11.13 18.61 18.46
C LYS A 161 11.73 19.40 19.63
N ASN A 162 10.86 19.99 20.44
CA ASN A 162 11.35 20.62 21.66
C ASN A 162 10.42 20.37 22.86
N MET B 2 -10.90 -1.72 -32.57
CA MET B 2 -10.52 -1.42 -31.21
C MET B 2 -9.04 -1.06 -31.13
N ASN B 3 -8.77 0.24 -31.04
CA ASN B 3 -7.40 0.71 -30.99
C ASN B 3 -6.79 0.82 -29.61
N ASN B 4 -7.26 0.01 -28.65
CA ASN B 4 -6.79 0.09 -27.28
C ASN B 4 -6.36 -1.22 -26.62
N ILE B 5 -5.06 -1.40 -26.42
CA ILE B 5 -4.51 -2.60 -25.77
C ILE B 5 -4.11 -2.34 -24.30
N ALA B 6 -4.51 -3.21 -23.37
CA ALA B 6 -4.17 -3.04 -21.97
C ALA B 6 -3.72 -4.37 -21.39
N TYR B 7 -2.90 -4.30 -20.36
CA TYR B 7 -2.50 -5.47 -19.59
C TYR B 7 -2.98 -5.29 -18.17
N ILE B 8 -3.63 -6.32 -17.63
CA ILE B 8 -4.21 -6.31 -16.29
C ILE B 8 -3.66 -7.50 -15.52
N ALA B 9 -3.32 -7.28 -14.26
CA ALA B 9 -2.88 -8.36 -13.37
C ALA B 9 -3.97 -8.64 -12.35
N LEU B 10 -4.18 -9.92 -12.05
CA LEU B 10 -5.23 -10.33 -11.11
C LEU B 10 -4.61 -11.24 -10.05
N GLY B 11 -4.91 -10.94 -8.79
CA GLY B 11 -4.52 -11.81 -7.70
C GLY B 11 -5.72 -12.14 -6.83
N SER B 12 -5.56 -13.24 -6.10
CA SER B 12 -6.54 -13.67 -5.11
C SER B 12 -5.83 -14.56 -4.10
N ASN B 13 -6.14 -14.36 -2.81
CA ASN B 13 -5.58 -15.27 -1.80
C ASN B 13 -6.63 -15.67 -0.77
N ILE B 14 -7.90 -15.71 -1.17
CA ILE B 14 -9.00 -16.08 -0.30
C ILE B 14 -9.88 -17.12 -0.99
N GLY B 15 -10.47 -18.00 -0.19
CA GLY B 15 -11.54 -18.87 -0.67
C GLY B 15 -11.13 -19.70 -1.86
N GLU B 16 -12.07 -19.89 -2.79
CA GLU B 16 -11.79 -20.58 -4.05
C GLU B 16 -11.09 -19.58 -4.96
N ARG B 17 -9.76 -19.53 -4.84
CA ARG B 17 -8.99 -18.44 -5.43
C ARG B 17 -8.96 -18.55 -6.95
N TYR B 18 -8.83 -19.77 -7.49
CA TYR B 18 -8.84 -19.91 -8.94
C TYR B 18 -10.16 -19.45 -9.54
N THR B 19 -11.28 -19.68 -8.84
CA THR B 19 -12.57 -19.27 -9.37
C THR B 19 -12.71 -17.76 -9.37
N TYR B 20 -12.41 -17.11 -8.24
CA TYR B 20 -12.39 -15.65 -8.19
C TYR B 20 -11.68 -15.09 -9.40
N LEU B 21 -10.53 -15.67 -9.75
CA LEU B 21 -9.77 -15.22 -10.91
C LEU B 21 -10.58 -15.39 -12.19
N THR B 22 -11.02 -16.63 -12.46
CA THR B 22 -11.69 -16.91 -13.73
C THR B 22 -12.96 -16.09 -13.88
N GLU B 23 -13.74 -15.96 -12.81
CA GLU B 23 -14.94 -15.12 -12.89
C GLU B 23 -14.58 -13.66 -13.08
N ALA B 24 -13.42 -13.23 -12.58
CA ALA B 24 -12.92 -11.92 -12.91
C ALA B 24 -12.74 -11.76 -14.41
N ILE B 25 -12.02 -12.69 -15.04
CA ILE B 25 -11.89 -12.64 -16.50
C ILE B 25 -13.25 -12.80 -17.16
N GLN B 26 -14.05 -13.76 -16.68
CA GLN B 26 -15.37 -13.96 -17.26
C GLN B 26 -16.17 -12.68 -17.25
N PHE B 27 -16.26 -12.02 -16.09
CA PHE B 27 -17.07 -10.81 -16.00
C PHE B 27 -16.47 -9.69 -16.82
N LEU B 28 -15.14 -9.62 -16.90
CA LEU B 28 -14.50 -8.57 -17.71
C LEU B 28 -14.89 -8.72 -19.17
N ASN B 29 -14.92 -9.95 -19.68
CA ASN B 29 -15.24 -10.18 -21.08
C ASN B 29 -16.73 -9.99 -21.37
N LYS B 30 -17.58 -10.02 -20.34
CA LYS B 30 -19.01 -9.73 -20.49
C LYS B 30 -19.25 -8.27 -20.89
N ASN B 31 -18.24 -7.42 -20.78
CA ASN B 31 -18.40 -6.02 -21.13
C ASN B 31 -18.24 -5.85 -22.64
N PRO B 32 -19.23 -5.27 -23.31
CA PRO B 32 -19.16 -5.18 -24.78
C PRO B 32 -17.96 -4.38 -25.27
N TYR B 33 -17.43 -3.48 -24.46
CA TYR B 33 -16.31 -2.65 -24.86
C TYR B 33 -14.96 -3.31 -24.61
N ILE B 34 -14.96 -4.53 -24.08
CA ILE B 34 -13.74 -5.23 -23.69
C ILE B 34 -13.67 -6.55 -24.43
N LYS B 35 -12.47 -6.93 -24.87
CA LYS B 35 -12.23 -8.23 -25.48
C LYS B 35 -10.95 -8.82 -24.93
N VAL B 36 -11.06 -9.96 -24.27
CA VAL B 36 -9.90 -10.68 -23.74
C VAL B 36 -9.14 -11.33 -24.88
N GLU B 37 -7.84 -11.04 -24.99
CA GLU B 37 -7.03 -11.54 -26.09
C GLU B 37 -5.99 -12.57 -25.67
N ASP B 38 -5.52 -12.55 -24.42
CA ASP B 38 -4.55 -13.56 -24.01
C ASP B 38 -4.46 -13.60 -22.49
N VAL B 39 -4.15 -14.80 -21.98
CA VAL B 39 -4.04 -15.06 -20.54
C VAL B 39 -2.72 -15.79 -20.27
N SER B 40 -2.06 -15.39 -19.18
CA SER B 40 -0.85 -16.07 -18.74
C SER B 40 -1.20 -17.38 -18.04
N SER B 41 -0.17 -18.16 -17.73
CA SER B 41 -0.38 -19.26 -16.82
C SER B 41 -0.72 -18.72 -15.43
N VAL B 42 -1.26 -19.60 -14.59
CA VAL B 42 -1.67 -19.25 -13.24
C VAL B 42 -0.53 -19.61 -12.29
N TYR B 43 -0.16 -18.67 -11.42
CA TYR B 43 0.96 -18.88 -10.52
C TYR B 43 0.52 -18.80 -9.06
N GLU B 44 1.11 -19.65 -8.24
CA GLU B 44 1.02 -19.56 -6.79
C GLU B 44 2.23 -18.78 -6.31
N THR B 45 1.99 -17.75 -5.51
CA THR B 45 3.07 -16.83 -5.14
C THR B 45 3.04 -16.57 -3.64
N GLU B 46 4.22 -16.50 -3.04
CA GLU B 46 4.29 -16.16 -1.63
C GLU B 46 3.73 -14.76 -1.41
N PRO B 47 2.94 -14.54 -0.36
CA PRO B 47 2.43 -13.19 -0.08
C PRO B 47 3.57 -12.20 0.07
N VAL B 48 3.35 -10.97 -0.41
CA VAL B 48 4.34 -9.92 -0.33
C VAL B 48 3.79 -8.78 0.53
N GLY B 49 4.70 -8.07 1.17
CA GLY B 49 4.32 -6.91 2.00
C GLY B 49 3.85 -7.27 3.39
N TYR B 50 2.87 -8.17 3.49
CA TYR B 50 2.37 -8.71 4.75
C TYR B 50 2.32 -10.21 4.54
N THR B 51 3.28 -10.93 5.10
CA THR B 51 3.49 -12.33 4.74
C THR B 51 2.76 -13.31 5.65
N ASP B 52 1.98 -12.83 6.62
CA ASP B 52 1.21 -13.71 7.50
C ASP B 52 -0.23 -13.83 6.98
N GLN B 53 -0.33 -14.45 5.82
CA GLN B 53 -1.59 -14.73 5.11
C GLN B 53 -1.28 -15.78 4.06
N SER B 54 -2.33 -16.31 3.45
CA SER B 54 -2.10 -17.43 2.53
C SER B 54 -1.40 -16.99 1.25
N CYS B 55 -0.81 -17.98 0.57
CA CYS B 55 -0.27 -17.81 -0.76
C CYS B 55 -1.34 -17.31 -1.72
N PHE B 56 -0.90 -16.60 -2.75
CA PHE B 56 -1.77 -15.99 -3.74
C PHE B 56 -1.80 -16.87 -4.99
N LEU B 57 -2.88 -16.75 -5.75
CA LEU B 57 -2.88 -17.10 -7.16
C LEU B 57 -2.91 -15.81 -7.96
N ASN B 58 -1.98 -15.69 -8.91
CA ASN B 58 -1.80 -14.49 -9.73
C ASN B 58 -1.77 -14.86 -11.21
N LEU B 59 -2.28 -13.97 -12.05
CA LEU B 59 -1.99 -14.08 -13.48
C LEU B 59 -1.93 -12.69 -14.09
N VAL B 60 -1.82 -12.65 -15.42
CA VAL B 60 -1.81 -11.41 -16.19
C VAL B 60 -2.57 -11.70 -17.49
N ILE B 61 -3.40 -10.75 -17.92
CA ILE B 61 -4.18 -10.89 -19.16
C ILE B 61 -3.91 -9.69 -20.06
N LYS B 62 -3.96 -9.92 -21.37
CA LYS B 62 -3.99 -8.85 -22.37
C LYS B 62 -5.44 -8.65 -22.84
N ILE B 63 -5.79 -7.40 -23.10
CA ILE B 63 -7.13 -7.04 -23.54
C ILE B 63 -7.04 -5.95 -24.62
N SER B 64 -8.04 -5.95 -25.50
CA SER B 64 -8.34 -4.83 -26.38
C SER B 64 -9.66 -4.20 -25.95
N THR B 65 -9.78 -2.89 -26.10
CA THR B 65 -10.90 -2.21 -25.45
C THR B 65 -11.20 -0.86 -26.10
N ASN B 66 -12.50 -0.51 -26.06
CA ASN B 66 -13.01 0.79 -26.47
C ASN B 66 -12.98 1.83 -25.35
N LEU B 67 -12.66 1.42 -24.13
CA LEU B 67 -12.76 2.28 -22.96
C LEU B 67 -11.52 3.11 -22.77
N SER B 68 -11.72 4.31 -22.23
CA SER B 68 -10.62 5.14 -21.77
C SER B 68 -10.05 4.57 -20.48
N PRO B 69 -8.95 5.12 -20.03
CA PRO B 69 -8.39 4.66 -18.77
C PRO B 69 -9.41 4.78 -17.63
N GLN B 70 -10.00 5.93 -17.47
CA GLN B 70 -10.96 6.12 -16.39
C GLN B 70 -12.13 5.18 -16.51
N GLU B 71 -12.64 5.03 -17.73
CA GLU B 71 -13.74 4.14 -17.96
C GLU B 71 -13.29 2.73 -17.62
N LEU B 72 -12.11 2.35 -18.07
CA LEU B 72 -11.53 1.06 -17.81
C LEU B 72 -11.40 0.82 -16.32
N LEU B 73 -10.73 1.73 -15.63
CA LEU B 73 -10.54 1.56 -14.20
C LEU B 73 -11.86 1.30 -13.50
N LYS B 74 -12.89 2.09 -13.83
CA LYS B 74 -14.14 1.95 -13.10
C LYS B 74 -14.78 0.58 -13.35
N VAL B 75 -14.61 0.01 -14.55
CA VAL B 75 -15.19 -1.32 -14.76
C VAL B 75 -14.39 -2.37 -14.00
N THR B 76 -13.06 -2.36 -14.12
CA THR B 76 -12.27 -3.28 -13.30
C THR B 76 -12.61 -3.13 -11.82
N GLN B 77 -13.02 -1.94 -11.41
CA GLN B 77 -13.44 -1.73 -10.02
C GLN B 77 -14.86 -2.24 -9.79
N LYS B 78 -15.75 -2.10 -10.78
CA LYS B 78 -17.05 -2.74 -10.66
C LYS B 78 -16.89 -4.25 -10.52
N VAL B 79 -15.98 -4.85 -11.30
CA VAL B 79 -15.75 -6.28 -11.18
C VAL B 79 -15.33 -6.63 -9.75
N GLU B 80 -14.27 -5.96 -9.25
CA GLU B 80 -13.89 -6.14 -7.85
C GLU B 80 -15.09 -6.13 -6.94
N ASN B 81 -15.91 -5.08 -7.00
CA ASN B 81 -17.06 -4.97 -6.10
C ASN B 81 -17.99 -6.16 -6.25
N ASP B 82 -18.16 -6.66 -7.48
CA ASP B 82 -19.11 -7.74 -7.73
C ASP B 82 -18.57 -9.10 -7.31
N LEU B 83 -17.27 -9.21 -7.06
CA LEU B 83 -16.68 -10.41 -6.51
C LEU B 83 -16.24 -10.20 -5.06
N GLY B 84 -16.89 -9.26 -4.36
CA GLY B 84 -16.79 -9.19 -2.92
C GLY B 84 -15.51 -8.60 -2.35
N ARG B 85 -14.70 -7.93 -3.16
CA ARG B 85 -13.49 -7.30 -2.64
C ARG B 85 -13.86 -6.10 -1.78
N LYS B 86 -13.45 -6.13 -0.51
CA LYS B 86 -13.79 -5.06 0.41
C LYS B 86 -12.73 -3.97 0.37
N ARG B 87 -13.18 -2.72 0.16
CA ARG B 87 -12.26 -1.58 0.05
C ARG B 87 -11.35 -1.48 1.27
N GLU B 88 -11.84 -1.92 2.43
CA GLU B 88 -11.11 -1.78 3.70
C GLU B 88 -9.72 -2.38 3.62
N ILE B 89 -9.62 -3.58 3.04
CA ILE B 89 -8.41 -4.37 3.15
C ILE B 89 -7.31 -3.72 2.32
N ARG B 90 -6.14 -3.58 2.92
CA ARG B 90 -4.96 -3.16 2.17
C ARG B 90 -3.87 -4.21 2.19
N TRP B 91 -3.52 -4.77 3.36
CA TRP B 91 -2.47 -5.77 3.44
C TRP B 91 -2.99 -7.18 3.64
N GLY B 92 -4.18 -7.34 4.21
CA GLY B 92 -4.67 -8.65 4.59
C GLY B 92 -5.25 -9.42 3.41
N PRO B 93 -5.75 -10.63 3.66
CA PRO B 93 -6.25 -11.46 2.57
C PRO B 93 -7.49 -10.88 1.92
N ARG B 94 -7.65 -11.14 0.63
CA ARG B 94 -8.75 -10.53 -0.11
C ARG B 94 -9.15 -11.44 -1.26
N THR B 95 -10.41 -11.26 -1.71
CA THR B 95 -10.94 -12.16 -2.73
C THR B 95 -10.26 -11.95 -4.08
N ILE B 96 -10.08 -10.70 -4.49
CA ILE B 96 -9.65 -10.42 -5.85
C ILE B 96 -9.12 -9.00 -5.93
N ASP B 97 -8.01 -8.83 -6.66
CA ASP B 97 -7.50 -7.53 -7.11
C ASP B 97 -7.34 -7.53 -8.63
N LEU B 98 -7.50 -6.35 -9.23
CA LEU B 98 -7.16 -6.13 -10.63
C LEU B 98 -6.36 -4.84 -10.72
N ASP B 99 -5.13 -4.94 -11.24
CA ASP B 99 -4.23 -3.82 -11.49
C ASP B 99 -4.09 -3.59 -12.99
N ILE B 100 -4.40 -2.38 -13.43
CA ILE B 100 -4.05 -1.99 -14.79
C ILE B 100 -2.54 -1.76 -14.85
N LEU B 101 -1.85 -2.57 -15.67
CA LEU B 101 -0.40 -2.48 -15.81
C LEU B 101 0.02 -1.55 -16.94
N LEU B 102 -0.52 -1.77 -18.13
CA LEU B 102 -0.20 -1.02 -19.33
C LEU B 102 -1.49 -0.65 -20.05
N TYR B 103 -1.49 0.48 -20.74
CA TYR B 103 -2.63 0.93 -21.55
C TYR B 103 -2.04 1.63 -22.77
N ASN B 104 -2.07 0.95 -23.93
CA ASN B 104 -1.36 1.35 -25.14
C ASN B 104 0.13 1.49 -24.86
N GLN B 105 0.60 2.72 -24.97
CA GLN B 105 1.94 3.12 -24.60
C GLN B 105 1.86 4.43 -23.77
N GLU B 106 0.65 4.81 -23.41
CA GLU B 106 0.34 6.01 -22.67
C GLU B 106 0.84 6.00 -21.23
N ASN B 107 1.28 7.16 -20.77
CA ASN B 107 1.76 7.31 -19.41
C ASN B 107 0.75 8.14 -18.66
N ILE B 108 0.09 7.52 -17.70
CA ILE B 108 -0.92 8.20 -16.90
C ILE B 108 -0.39 8.43 -15.49
N GLU B 109 -0.66 9.63 -14.96
CA GLU B 109 -0.27 10.06 -13.64
C GLU B 109 -1.44 10.82 -13.00
N ALA B 110 -2.59 10.18 -12.83
CA ALA B 110 -3.76 10.86 -12.30
C ALA B 110 -3.95 10.60 -10.81
N GLU B 111 -4.92 11.31 -10.23
CA GLU B 111 -5.22 11.22 -8.81
C GLU B 111 -5.50 9.79 -8.36
N ASN B 112 -6.01 8.95 -9.28
CA ASN B 112 -6.52 7.63 -8.91
C ASN B 112 -6.05 6.56 -9.87
N LEU B 113 -5.04 6.84 -10.69
CA LEU B 113 -4.65 5.91 -11.73
C LEU B 113 -3.23 6.24 -12.17
N ILE B 114 -2.33 5.27 -12.04
CA ILE B 114 -0.92 5.41 -12.37
C ILE B 114 -0.54 4.28 -13.30
N VAL B 115 -0.11 4.63 -14.51
CA VAL B 115 0.20 3.65 -15.54
C VAL B 115 1.43 4.16 -16.29
N PRO B 116 2.49 3.34 -16.45
CA PRO B 116 2.56 1.95 -15.98
C PRO B 116 2.34 1.84 -14.48
N HIS B 117 2.04 0.64 -14.01
CA HIS B 117 1.84 0.44 -12.59
C HIS B 117 3.17 0.64 -11.87
N PRO B 118 3.22 1.50 -10.85
CA PRO B 118 4.52 1.82 -10.22
C PRO B 118 5.26 0.62 -9.66
N ARG B 119 4.58 -0.45 -9.29
CA ARG B 119 5.26 -1.57 -8.65
C ARG B 119 5.48 -2.77 -9.57
N MET B 120 4.99 -2.73 -10.82
CA MET B 120 5.08 -3.91 -11.66
C MET B 120 6.51 -4.43 -11.76
N PHE B 121 7.50 -3.55 -11.75
CA PHE B 121 8.88 -4.00 -11.85
C PHE B 121 9.49 -4.37 -10.50
N GLU B 122 8.71 -4.38 -9.41
CA GLU B 122 9.19 -4.87 -8.12
C GLU B 122 8.43 -6.10 -7.65
N ARG B 123 7.54 -6.63 -8.47
CA ARG B 123 6.66 -7.73 -8.07
C ARG B 123 6.92 -8.89 -9.01
N ALA B 124 7.63 -9.92 -8.51
CA ALA B 124 7.81 -11.13 -9.30
C ALA B 124 6.48 -11.75 -9.70
N PHE B 125 5.44 -11.56 -8.87
CA PHE B 125 4.12 -12.07 -9.18
C PHE B 125 3.41 -11.27 -10.28
N VAL B 126 4.01 -10.17 -10.74
CA VAL B 126 3.54 -9.47 -11.91
C VAL B 126 4.41 -9.76 -13.12
N ILE B 127 5.73 -9.65 -12.95
CA ILE B 127 6.63 -9.62 -14.11
C ILE B 127 6.72 -10.99 -14.77
N VAL B 128 6.76 -12.06 -13.98
CA VAL B 128 6.92 -13.39 -14.56
C VAL B 128 5.70 -13.80 -15.37
N PRO B 129 4.46 -13.69 -14.86
CA PRO B 129 3.31 -13.92 -15.75
C PRO B 129 3.25 -12.92 -16.89
N LEU B 130 3.52 -11.64 -16.63
CA LEU B 130 3.51 -10.65 -17.70
C LEU B 130 4.43 -11.06 -18.84
N LEU B 131 5.68 -11.43 -18.50
CA LEU B 131 6.64 -11.80 -19.53
C LEU B 131 6.15 -12.96 -20.38
N GLU B 132 5.31 -13.83 -19.80
CA GLU B 132 4.81 -15.00 -20.53
C GLU B 132 3.95 -14.59 -21.72
N ILE B 133 3.23 -13.46 -21.62
CA ILE B 133 2.29 -13.07 -22.65
C ILE B 133 2.68 -11.77 -23.35
N ASN B 134 3.87 -11.21 -23.05
CA ASN B 134 4.23 -9.91 -23.63
C ASN B 134 5.76 -9.81 -23.63
N GLN B 135 6.38 -10.35 -24.68
CA GLN B 135 7.83 -10.40 -24.76
C GLN B 135 8.45 -9.06 -25.12
N ASP B 136 7.63 -8.04 -25.38
CA ASP B 136 8.09 -6.68 -25.60
C ASP B 136 8.52 -6.00 -24.30
N ILE B 137 8.34 -6.66 -23.16
CA ILE B 137 8.75 -6.11 -21.87
C ILE B 137 10.17 -6.54 -21.50
N LYS B 138 10.70 -7.58 -22.15
CA LYS B 138 11.98 -8.17 -21.81
C LYS B 138 13.17 -7.27 -22.15
N GLN B 139 12.95 -6.19 -22.88
CA GLN B 139 13.99 -5.21 -23.11
C GLN B 139 14.14 -4.21 -21.98
N ASN B 140 13.16 -4.15 -21.07
CA ASN B 140 13.14 -3.19 -19.98
C ASN B 140 13.46 -3.82 -18.64
N ILE B 141 13.99 -5.03 -18.63
CA ILE B 141 14.47 -5.66 -17.41
C ILE B 141 15.50 -6.70 -17.79
N SER B 142 16.58 -6.74 -17.03
CA SER B 142 17.65 -7.68 -17.30
C SER B 142 17.31 -9.03 -16.69
N ARG B 143 17.73 -10.10 -17.36
CA ARG B 143 17.30 -11.43 -16.90
C ARG B 143 17.87 -11.76 -15.53
N SER B 144 19.08 -11.27 -15.20
CA SER B 144 19.48 -11.46 -13.82
C SER B 144 18.89 -10.41 -12.90
N GLN B 145 18.22 -9.39 -13.46
CA GLN B 145 17.38 -8.52 -12.62
C GLN B 145 16.07 -9.23 -12.25
N VAL B 146 15.58 -10.10 -13.12
CA VAL B 146 14.39 -10.89 -12.80
C VAL B 146 14.74 -12.13 -11.98
N GLU B 147 15.97 -12.65 -12.10
CA GLU B 147 16.41 -13.72 -11.21
C GLU B 147 16.55 -13.24 -9.77
N GLU B 148 16.78 -11.94 -9.56
CA GLU B 148 16.75 -11.41 -8.21
C GLU B 148 15.31 -11.37 -7.67
N MET B 149 14.35 -11.09 -8.56
CA MET B 149 12.95 -10.98 -8.13
C MET B 149 12.36 -12.35 -7.85
N LYS B 150 12.84 -13.34 -8.58
CA LYS B 150 12.41 -14.70 -8.34
C LYS B 150 12.97 -15.14 -6.99
N ARG B 151 14.21 -14.77 -6.72
CA ARG B 151 14.86 -15.14 -5.47
C ARG B 151 14.21 -14.53 -4.26
N ARG B 152 13.81 -13.28 -4.40
CA ARG B 152 13.23 -12.57 -3.28
C ARG B 152 11.83 -12.96 -2.89
N GLU B 153 11.05 -13.52 -3.80
CA GLU B 153 9.66 -13.79 -3.50
C GLU B 153 9.14 -15.22 -3.72
N GLY B 154 9.75 -16.05 -4.56
CA GLY B 154 9.26 -17.41 -4.66
C GLY B 154 7.95 -17.55 -5.41
N VAL B 155 8.06 -17.76 -6.72
CA VAL B 155 6.93 -17.89 -7.62
C VAL B 155 6.96 -19.28 -8.23
N THR B 156 5.78 -19.90 -8.37
CA THR B 156 5.68 -21.26 -8.84
C THR B 156 4.42 -21.43 -9.69
N VAL B 157 4.52 -22.31 -10.69
CA VAL B 157 3.39 -22.56 -11.59
C VAL B 157 2.30 -23.32 -10.84
N TRP B 158 1.08 -22.80 -10.91
CA TRP B 158 -0.09 -23.50 -10.37
C TRP B 158 -0.91 -24.17 -11.45
N LYS B 159 -1.13 -23.49 -12.58
CA LYS B 159 -1.70 -24.13 -13.77
C LYS B 159 -1.05 -23.52 -15.01
N GLN B 160 -0.50 -24.37 -15.85
CA GLN B 160 0.11 -23.97 -17.11
C GLN B 160 -0.96 -23.62 -18.15
N LYS B 161 -0.64 -22.68 -19.05
CA LYS B 161 -1.54 -22.43 -20.20
C LYS B 161 -2.09 -23.76 -20.76
#